data_4HSB
#
_entry.id   4HSB
#
_cell.length_a   54.891
_cell.length_b   54.891
_cell.length_c   153.457
_cell.angle_alpha   90.00
_cell.angle_beta   90.00
_cell.angle_gamma   120.00
#
_symmetry.space_group_name_H-M   'P 32 2 1'
#
loop_
_entity.id
_entity.type
_entity.pdbx_description
1 polymer 'Probable DNA-3-methyladenine glycosylase 2'
2 polymer "DNA (5'-D(P*GP*GP*AP*CP*TP*(3DR)P*AP*CP*GP*GP*G)-3')"
3 polymer "DNA (5'-D(P*CP*CP*CP*GP*TP*TP*AP*GP*TP*CP*C)-3')"
4 non-polymer DI(HYDROXYETHYL)ETHER
5 water water
#
loop_
_entity_poly.entity_id
_entity_poly.type
_entity_poly.pdbx_seq_one_letter_code
_entity_poly.pdbx_strand_id
1 'polypeptide(L)'
;GPGSMSKDSDYKRAEKHLSSIDNKWSSLVKKVGPCTLTPHPEHAPYEGIIRAITSQKLSDAATNSIINKFCTQCSDNDEF
PTPKQIMETDVETLHECGFSKLKSQEIHIVAEAALNKQIPSKSEIEKMSEEELMESLSKIKGVKRWTIEMYSIFTLGRLD
IMPADDSTLKNEAKEFFGLSSKPQTEEVEKLTKPCKPYRTIAAWYLWQIPKLHRKGQ
;
A
2 'polydeoxyribonucleotide' (DG)(DG)(DA)(DC)(DT)(3DR)(DA)(DC)(DG)(DG)(DG) B
3 'polydeoxyribonucleotide' (DC)(DC)(DC)(DG)(DT)(DT)(DA)(DG)(DT)(DC)(DC) C
#
loop_
_chem_comp.id
_chem_comp.type
_chem_comp.name
_chem_comp.formula
3DR DNA linking 1',2'-DIDEOXYRIBOFURANOSE-5'-PHOSPHATE 'C5 H11 O6 P'
DA DNA linking 2'-DEOXYADENOSINE-5'-MONOPHOSPHATE 'C10 H14 N5 O6 P'
DC DNA linking 2'-DEOXYCYTIDINE-5'-MONOPHOSPHATE 'C9 H14 N3 O7 P'
DG DNA linking 2'-DEOXYGUANOSINE-5'-MONOPHOSPHATE 'C10 H14 N5 O7 P'
DT DNA linking THYMIDINE-5'-MONOPHOSPHATE 'C10 H15 N2 O8 P'
PEG non-polymer DI(HYDROXYETHYL)ETHER 'C4 H10 O3'
#
# COMPACT_ATOMS: atom_id res chain seq x y z
N SER A 9 9.73 17.55 11.56
CA SER A 9 8.82 16.77 10.73
C SER A 9 8.29 15.56 11.49
N ASP A 10 7.19 15.01 10.98
CA ASP A 10 6.66 13.78 11.55
C ASP A 10 7.58 12.58 11.38
N TYR A 11 8.34 12.53 10.28
CA TYR A 11 9.33 11.44 10.13
C TYR A 11 10.39 11.51 11.23
N LYS A 12 10.89 12.71 11.50
CA LYS A 12 11.88 12.87 12.56
C LYS A 12 11.28 12.46 13.91
N ARG A 13 10.05 12.89 14.16
CA ARG A 13 9.37 12.50 15.39
C ARG A 13 9.14 10.99 15.49
N ALA A 14 8.75 10.39 14.37
CA ALA A 14 8.53 8.97 14.30
C ALA A 14 9.83 8.23 14.62
N GLU A 15 10.92 8.67 14.03
CA GLU A 15 12.22 8.03 14.23
C GLU A 15 12.64 8.10 15.70
N LYS A 16 12.39 9.24 16.32
CA LYS A 16 12.72 9.36 17.74
C LYS A 16 11.75 8.57 18.64
N HIS A 17 10.48 8.52 18.24
CA HIS A 17 9.49 7.76 19.00
C HIS A 17 9.84 6.26 18.97
N LEU A 18 10.10 5.74 17.79
CA LEU A 18 10.47 4.33 17.64
C LEU A 18 11.74 3.99 18.42
N SER A 19 12.76 4.83 18.27
CA SER A 19 14.03 4.63 19.00
C SER A 19 13.84 4.67 20.52
N SER A 20 12.81 5.38 20.96
CA SER A 20 12.50 5.50 22.38
C SER A 20 11.84 4.27 22.99
N ILE A 21 11.38 3.34 22.15
CA ILE A 21 10.68 2.17 22.66
C ILE A 21 11.60 1.21 23.39
N ASP A 22 12.69 0.82 22.73
CA ASP A 22 13.71 -0.04 23.33
C ASP A 22 14.97 -0.08 22.46
N ASN A 23 16.00 -0.77 22.95
CA ASN A 23 17.27 -0.83 22.24
C ASN A 23 17.22 -1.47 20.85
N LYS A 24 16.39 -2.50 20.67
CA LYS A 24 16.28 -3.12 19.34
C LYS A 24 15.69 -2.17 18.29
N TRP A 25 14.61 -1.47 18.64
CA TRP A 25 14.06 -0.45 17.77
C TRP A 25 15.09 0.64 17.48
N SER A 26 15.81 1.06 18.51
CA SER A 26 16.85 2.07 18.34
C SER A 26 17.87 1.61 17.32
N SER A 27 18.35 0.37 17.49
CA SER A 27 19.34 -0.18 16.57
C SER A 27 18.83 -0.32 15.14
N LEU A 28 17.59 -0.81 14.99
CA LEU A 28 17.00 -0.90 13.66
C LEU A 28 16.95 0.45 12.94
N VAL A 29 16.52 1.50 13.66
CA VAL A 29 16.41 2.82 13.06
C VAL A 29 17.77 3.35 12.65
N LYS A 30 18.79 3.12 13.49
CA LYS A 30 20.17 3.51 13.18
C LYS A 30 20.75 2.74 11.98
N LYS A 31 20.50 1.44 11.91
CA LYS A 31 21.00 0.62 10.80
C LYS A 31 20.36 1.03 9.47
N VAL A 32 19.06 1.26 9.47
CA VAL A 32 18.33 1.58 8.25
C VAL A 32 18.55 3.04 7.84
N GLY A 33 18.65 3.91 8.84
CA GLY A 33 18.87 5.32 8.59
C GLY A 33 17.54 6.06 8.53
N PRO A 34 17.58 7.34 8.14
CA PRO A 34 16.36 8.15 8.10
C PRO A 34 15.29 7.54 7.20
N CYS A 35 14.04 7.68 7.59
CA CYS A 35 12.94 7.13 6.79
C CYS A 35 12.81 7.87 5.45
N THR A 36 12.73 7.12 4.34
CA THR A 36 12.67 7.73 3.01
C THR A 36 11.41 7.30 2.29
N LEU A 37 10.47 6.75 3.06
CA LEU A 37 9.14 6.40 2.55
C LEU A 37 8.54 7.60 1.81
N THR A 38 8.12 7.37 0.57
CA THR A 38 7.68 8.47 -0.27
C THR A 38 6.29 8.16 -0.83
N PRO A 39 5.24 8.67 -0.17
CA PRO A 39 3.91 8.36 -0.67
C PRO A 39 3.57 9.32 -1.79
N HIS A 40 2.46 9.07 -2.49
CA HIS A 40 2.07 9.93 -3.59
C HIS A 40 0.63 10.37 -3.44
N PRO A 41 0.38 11.31 -2.51
CA PRO A 41 -0.99 11.75 -2.18
C PRO A 41 -1.60 12.57 -3.30
N GLU A 42 -0.78 12.99 -4.26
CA GLU A 42 -1.28 13.69 -5.45
C GLU A 42 -2.08 12.76 -6.38
N HIS A 43 -1.91 11.45 -6.22
CA HIS A 43 -2.63 10.50 -7.07
C HIS A 43 -4.11 10.49 -6.74
N ALA A 44 -4.94 10.43 -7.79
CA ALA A 44 -6.37 10.24 -7.59
C ALA A 44 -6.62 8.87 -6.95
N PRO A 45 -7.70 8.75 -6.18
CA PRO A 45 -8.07 7.49 -5.54
C PRO A 45 -8.10 6.33 -6.55
N TYR A 46 -8.74 6.48 -7.71
CA TYR A 46 -8.80 5.34 -8.62
C TYR A 46 -7.38 4.89 -9.02
N GLU A 47 -6.46 5.84 -9.15
CA GLU A 47 -5.08 5.49 -9.50
C GLU A 47 -4.39 4.77 -8.35
N GLY A 48 -4.49 5.31 -7.14
CA GLY A 48 -3.87 4.66 -5.99
C GLY A 48 -4.42 3.27 -5.76
N ILE A 49 -5.73 3.14 -5.95
CA ILE A 49 -6.39 1.85 -5.75
C ILE A 49 -5.95 0.85 -6.83
N ILE A 50 -5.90 1.28 -8.08
CA ILE A 50 -5.42 0.36 -9.12
C ILE A 50 -3.97 -0.07 -8.87
N ARG A 51 -3.13 0.88 -8.49
CA ARG A 51 -1.74 0.55 -8.16
C ARG A 51 -1.64 -0.47 -7.05
N ALA A 52 -2.46 -0.32 -6.01
CA ALA A 52 -2.45 -1.25 -4.89
C ALA A 52 -2.97 -2.62 -5.30
N ILE A 53 -4.04 -2.65 -6.08
CA ILE A 53 -4.55 -3.94 -6.57
C ILE A 53 -3.49 -4.70 -7.37
N THR A 54 -2.79 -3.98 -8.25
CA THR A 54 -1.79 -4.59 -9.11
C THR A 54 -0.70 -5.26 -8.27
N SER A 55 -0.33 -4.60 -7.18
CA SER A 55 0.75 -5.06 -6.32
C SER A 55 0.44 -6.35 -5.54
N GLN A 56 -0.83 -6.74 -5.46
CA GLN A 56 -1.19 -7.96 -4.71
C GLN A 56 -0.42 -9.20 -5.16
N LYS A 57 0.30 -9.82 -4.24
CA LYS A 57 1.04 -11.08 -4.53
C LYS A 57 2.13 -10.95 -5.60
N LEU A 58 2.53 -9.72 -5.90
CA LEU A 58 3.58 -9.48 -6.90
C LEU A 58 4.72 -8.64 -6.33
N SER A 59 5.94 -8.89 -6.79
CA SER A 59 7.10 -8.10 -6.39
C SER A 59 6.93 -6.66 -6.85
N ASP A 60 7.67 -5.73 -6.26
CA ASP A 60 7.58 -4.34 -6.69
C ASP A 60 8.02 -4.21 -8.16
N ALA A 61 9.02 -5.00 -8.55
CA ALA A 61 9.52 -4.97 -9.91
C ALA A 61 8.45 -5.40 -10.92
N ALA A 62 7.69 -6.43 -10.56
CA ALA A 62 6.63 -6.93 -11.43
C ALA A 62 5.53 -5.89 -11.53
N THR A 63 5.10 -5.37 -10.37
CA THR A 63 4.07 -4.34 -10.33
C THR A 63 4.44 -3.13 -11.18
N ASN A 64 5.70 -2.73 -11.09
CA ASN A 64 6.24 -1.61 -11.88
C ASN A 64 6.18 -1.84 -13.40
N SER A 65 6.60 -3.04 -13.83
CA SER A 65 6.60 -3.36 -15.26
C SER A 65 5.18 -3.33 -15.79
N ILE A 66 4.26 -3.89 -15.02
CA ILE A 66 2.85 -3.96 -15.40
C ILE A 66 2.23 -2.57 -15.58
N ILE A 67 2.45 -1.69 -14.59
CA ILE A 67 1.85 -0.37 -14.62
C ILE A 67 2.41 0.42 -15.78
N ASN A 68 3.71 0.22 -16.03
CA ASN A 68 4.38 0.87 -17.14
C ASN A 68 3.81 0.44 -18.49
N LYS A 69 3.57 -0.86 -18.65
CA LYS A 69 2.94 -1.35 -19.88
C LYS A 69 1.53 -0.79 -20.01
N PHE A 70 0.82 -0.76 -18.88
CA PHE A 70 -0.53 -0.21 -18.77
C PHE A 70 -0.61 1.23 -19.29
N CYS A 71 0.30 2.07 -18.81
CA CYS A 71 0.37 3.45 -19.26
C CYS A 71 0.65 3.58 -20.78
N THR A 72 1.57 2.77 -21.29
CA THR A 72 1.91 2.86 -22.71
C THR A 72 0.77 2.36 -23.58
N GLN A 73 0.03 1.39 -23.08
CA GLN A 73 -1.04 0.77 -23.87
C GLN A 73 -2.33 1.56 -23.84
N CYS A 74 -2.65 2.16 -22.70
CA CYS A 74 -3.94 2.81 -22.49
C CYS A 74 -3.94 4.34 -22.46
N SER A 75 -2.81 4.96 -22.16
CA SER A 75 -2.77 6.42 -22.17
C SER A 75 -2.43 7.01 -23.53
N ASP A 76 -2.99 8.18 -23.80
CA ASP A 76 -2.67 8.96 -25.00
C ASP A 76 -1.29 9.59 -24.87
N ASN A 77 -0.74 9.50 -23.66
CA ASN A 77 0.35 10.37 -23.25
C ASN A 77 1.41 9.62 -22.44
N ASP A 78 1.26 8.30 -22.35
CA ASP A 78 2.04 7.47 -21.43
C ASP A 78 2.00 7.97 -19.98
N GLU A 79 0.90 8.62 -19.61
CA GLU A 79 0.64 8.95 -18.21
C GLU A 79 -0.29 7.88 -17.68
N PHE A 80 -0.70 7.97 -16.41
CA PHE A 80 -1.62 6.98 -15.90
C PHE A 80 -2.95 7.09 -16.66
N PRO A 81 -3.48 5.95 -17.13
CA PRO A 81 -4.70 6.01 -17.94
C PRO A 81 -5.86 6.63 -17.16
N THR A 82 -6.71 7.41 -17.82
CA THR A 82 -7.90 7.97 -17.21
C THR A 82 -8.96 6.87 -17.10
N PRO A 83 -10.00 7.09 -16.28
CA PRO A 83 -11.10 6.11 -16.21
C PRO A 83 -11.71 5.82 -17.59
N LYS A 84 -11.96 6.85 -18.39
CA LYS A 84 -12.51 6.67 -19.72
C LYS A 84 -11.59 5.79 -20.59
N GLN A 85 -10.30 6.09 -20.53
CA GLN A 85 -9.30 5.35 -21.31
C GLN A 85 -9.27 3.87 -20.94
N ILE A 86 -9.35 3.60 -19.64
CA ILE A 86 -9.41 2.22 -19.15
C ILE A 86 -10.66 1.50 -19.63
N MET A 87 -11.80 2.19 -19.55
CA MET A 87 -13.08 1.66 -20.01
C MET A 87 -13.08 1.32 -21.50
N GLU A 88 -12.31 2.08 -22.27
CA GLU A 88 -12.27 1.90 -23.71
C GLU A 88 -11.35 0.75 -24.11
N THR A 89 -10.66 0.18 -23.13
CA THR A 89 -9.69 -0.88 -23.38
C THR A 89 -10.32 -2.24 -23.07
N ASP A 90 -10.27 -3.19 -24.01
CA ASP A 90 -10.89 -4.48 -23.74
C ASP A 90 -10.07 -5.27 -22.73
N VAL A 91 -10.71 -6.24 -22.06
CA VAL A 91 -10.04 -6.96 -20.99
C VAL A 91 -8.75 -7.65 -21.42
N GLU A 92 -8.73 -8.16 -22.65
CA GLU A 92 -7.56 -8.91 -23.09
C GLU A 92 -6.36 -7.99 -23.33
N THR A 93 -6.64 -6.76 -23.78
CA THR A 93 -5.58 -5.77 -23.90
C THR A 93 -4.98 -5.40 -22.54
N LEU A 94 -5.83 -5.24 -21.53
CA LEU A 94 -5.36 -5.07 -20.16
C LEU A 94 -4.54 -6.26 -19.73
N HIS A 95 -5.07 -7.46 -20.01
CA HIS A 95 -4.43 -8.70 -19.59
C HIS A 95 -3.03 -8.81 -20.16
N GLU A 96 -2.84 -8.47 -21.44
CA GLU A 96 -1.51 -8.56 -22.04
C GLU A 96 -0.49 -7.59 -21.42
N CYS A 97 -0.96 -6.61 -20.64
CA CYS A 97 -0.07 -5.77 -19.85
C CYS A 97 0.54 -6.53 -18.66
N GLY A 98 -0.09 -7.64 -18.28
CA GLY A 98 0.44 -8.45 -17.20
C GLY A 98 -0.43 -8.49 -15.95
N PHE A 99 -1.57 -7.81 -15.98
CA PHE A 99 -2.56 -8.03 -14.92
C PHE A 99 -3.10 -9.44 -15.09
N SER A 100 -3.43 -10.11 -14.00
CA SER A 100 -4.17 -11.36 -14.11
C SER A 100 -5.52 -11.00 -14.71
N LYS A 101 -6.20 -11.98 -15.29
CA LYS A 101 -7.54 -11.75 -15.82
C LYS A 101 -8.48 -11.16 -14.78
N LEU A 102 -8.43 -11.70 -13.57
CA LEU A 102 -9.26 -11.23 -12.47
C LEU A 102 -8.96 -9.78 -12.09
N LYS A 103 -7.68 -9.43 -12.01
CA LYS A 103 -7.31 -8.04 -11.73
C LYS A 103 -7.75 -7.11 -12.87
N SER A 104 -7.64 -7.60 -14.10
CA SER A 104 -8.06 -6.83 -15.26
C SER A 104 -9.54 -6.46 -15.12
N GLN A 105 -10.34 -7.44 -14.69
CA GLN A 105 -11.77 -7.22 -14.52
C GLN A 105 -12.04 -6.23 -13.40
N GLU A 106 -11.31 -6.38 -12.29
CA GLU A 106 -11.43 -5.49 -11.14
C GLU A 106 -11.00 -4.07 -11.45
N ILE A 107 -9.98 -3.94 -12.28
CA ILE A 107 -9.54 -2.63 -12.73
C ILE A 107 -10.58 -1.93 -13.60
N HIS A 108 -11.23 -2.68 -14.49
CA HIS A 108 -12.37 -2.17 -15.24
C HIS A 108 -13.48 -1.69 -14.28
N ILE A 109 -13.75 -2.49 -13.26
CA ILE A 109 -14.75 -2.14 -12.26
C ILE A 109 -14.40 -0.84 -11.52
N VAL A 110 -13.14 -0.68 -11.15
CA VAL A 110 -12.67 0.54 -10.48
C VAL A 110 -12.84 1.73 -11.41
N ALA A 111 -12.45 1.57 -12.66
CA ALA A 111 -12.59 2.64 -13.65
C ALA A 111 -14.05 3.02 -13.84
N GLU A 112 -14.92 2.02 -13.96
CA GLU A 112 -16.33 2.30 -14.20
C GLU A 112 -16.91 3.05 -13.01
N ALA A 113 -16.53 2.63 -11.82
CA ALA A 113 -16.98 3.31 -10.59
C ALA A 113 -16.50 4.75 -10.54
N ALA A 114 -15.25 4.98 -10.92
CA ALA A 114 -14.70 6.33 -10.98
C ALA A 114 -15.44 7.15 -12.04
N LEU A 115 -15.58 6.58 -13.22
CA LEU A 115 -16.30 7.24 -14.31
C LEU A 115 -17.73 7.58 -13.91
N ASN A 116 -18.35 6.73 -13.09
CA ASN A 116 -19.72 6.96 -12.64
C ASN A 116 -19.84 7.72 -11.33
N LYS A 117 -18.69 8.15 -10.79
CA LYS A 117 -18.64 8.88 -9.53
C LYS A 117 -19.21 8.07 -8.38
N GLN A 118 -18.89 6.77 -8.36
CA GLN A 118 -19.33 5.87 -7.29
C GLN A 118 -18.23 5.62 -6.27
N ILE A 119 -17.03 6.10 -6.56
CA ILE A 119 -15.92 6.08 -5.62
C ILE A 119 -15.99 7.34 -4.78
N PRO A 120 -15.68 7.27 -3.48
CA PRO A 120 -15.63 8.53 -2.73
C PRO A 120 -14.63 9.50 -3.37
N SER A 121 -14.94 10.79 -3.32
CA SER A 121 -14.02 11.79 -3.86
C SER A 121 -12.71 11.79 -3.11
N LYS A 122 -11.68 12.33 -3.76
CA LYS A 122 -10.38 12.45 -3.14
C LYS A 122 -10.50 13.30 -1.88
N SER A 123 -11.29 14.36 -1.96
CA SER A 123 -11.53 15.24 -0.82
C SER A 123 -12.14 14.51 0.38
N GLU A 124 -13.13 13.65 0.14
CA GLU A 124 -13.71 12.92 1.27
C GLU A 124 -12.81 11.82 1.80
N ILE A 125 -12.09 11.13 0.91
CA ILE A 125 -11.13 10.10 1.35
C ILE A 125 -10.07 10.71 2.27
N GLU A 126 -9.63 11.91 1.92
CA GLU A 126 -8.63 12.60 2.75
C GLU A 126 -9.16 13.01 4.13
N LYS A 127 -10.47 12.96 4.33
CA LYS A 127 -11.04 13.25 5.66
C LYS A 127 -11.35 11.98 6.46
N MET A 128 -11.24 10.82 5.82
CA MET A 128 -11.70 9.58 6.44
C MET A 128 -10.64 8.96 7.34
N SER A 129 -11.07 8.44 8.51
CA SER A 129 -10.22 7.59 9.34
C SER A 129 -9.93 6.28 8.62
N GLU A 130 -8.92 5.53 9.10
CA GLU A 130 -8.63 4.22 8.52
C GLU A 130 -9.88 3.34 8.53
N GLU A 131 -10.62 3.39 9.63
CA GLU A 131 -11.82 2.57 9.77
C GLU A 131 -12.82 2.92 8.68
N GLU A 132 -13.00 4.23 8.44
CA GLU A 132 -13.94 4.67 7.40
C GLU A 132 -13.48 4.29 5.99
N LEU A 133 -12.17 4.36 5.76
CA LEU A 133 -11.59 3.91 4.50
C LEU A 133 -11.85 2.43 4.27
N MET A 134 -11.66 1.63 5.31
CA MET A 134 -11.95 0.20 5.23
C MET A 134 -13.42 -0.05 4.89
N GLU A 135 -14.32 0.64 5.56
CA GLU A 135 -15.76 0.48 5.33
C GLU A 135 -16.17 0.90 3.92
N SER A 136 -15.53 1.94 3.42
CA SER A 136 -15.96 2.59 2.18
C SER A 136 -15.39 1.87 0.96
N LEU A 137 -14.12 1.51 1.02
CA LEU A 137 -13.44 0.96 -0.16
C LEU A 137 -13.52 -0.55 -0.32
N SER A 138 -13.84 -1.25 0.76
CA SER A 138 -13.86 -2.71 0.72
C SER A 138 -15.04 -3.26 -0.08
N LYS A 139 -15.95 -2.38 -0.48
CA LYS A 139 -17.06 -2.75 -1.36
C LYS A 139 -16.57 -3.03 -2.78
N ILE A 140 -15.41 -2.48 -3.11
CA ILE A 140 -14.86 -2.65 -4.46
C ILE A 140 -14.29 -4.07 -4.62
N LYS A 141 -14.72 -4.76 -5.67
CA LYS A 141 -14.20 -6.10 -5.93
C LYS A 141 -12.69 -6.06 -6.13
N GLY A 142 -11.97 -6.90 -5.38
CA GLY A 142 -10.52 -6.92 -5.43
C GLY A 142 -9.85 -6.03 -4.39
N VAL A 143 -10.65 -5.28 -3.65
CA VAL A 143 -10.08 -4.35 -2.67
C VAL A 143 -10.52 -4.74 -1.26
N LYS A 144 -9.61 -5.33 -0.50
CA LYS A 144 -9.93 -5.66 0.89
C LYS A 144 -8.86 -5.10 1.83
N ARG A 145 -8.74 -5.66 3.03
CA ARG A 145 -7.90 -5.03 4.06
C ARG A 145 -6.49 -4.62 3.60
N TRP A 146 -5.76 -5.56 3.01
CA TRP A 146 -4.36 -5.31 2.64
C TRP A 146 -4.24 -4.20 1.59
N THR A 147 -5.10 -4.24 0.58
CA THR A 147 -5.07 -3.28 -0.52
C THR A 147 -5.36 -1.88 0.00
N ILE A 148 -6.32 -1.78 0.92
CA ILE A 148 -6.67 -0.49 1.53
C ILE A 148 -5.52 0.02 2.41
N GLU A 149 -4.87 -0.87 3.14
CA GLU A 149 -3.68 -0.47 3.90
C GLU A 149 -2.57 0.05 3.00
N MET A 150 -2.33 -0.64 1.89
CA MET A 150 -1.27 -0.22 0.98
C MET A 150 -1.64 1.12 0.32
N TYR A 151 -2.91 1.29 -0.04
CA TYR A 151 -3.38 2.58 -0.55
C TYR A 151 -3.17 3.68 0.48
N SER A 152 -3.50 3.39 1.75
CA SER A 152 -3.36 4.39 2.82
C SER A 152 -1.91 4.77 3.07
N ILE A 153 -1.01 3.80 2.95
CA ILE A 153 0.40 4.04 3.20
C ILE A 153 1.10 4.69 2.00
N PHE A 154 0.98 4.08 0.82
CA PHE A 154 1.79 4.50 -0.32
C PHE A 154 1.17 5.59 -1.18
N THR A 155 -0.15 5.74 -1.08
CA THR A 155 -0.80 6.88 -1.73
C THR A 155 -1.14 8.00 -0.74
N LEU A 156 -2.01 7.71 0.22
CA LEU A 156 -2.51 8.75 1.11
C LEU A 156 -1.44 9.36 2.02
N GLY A 157 -0.46 8.55 2.41
CA GLY A 157 0.59 9.03 3.30
C GLY A 157 0.20 8.98 4.77
N ARG A 158 -0.72 8.09 5.12
CA ARG A 158 -1.12 7.91 6.52
C ARG A 158 0.03 7.36 7.37
N LEU A 159 0.16 7.85 8.59
CA LEU A 159 1.34 7.57 9.44
C LEU A 159 1.16 6.45 10.47
N ASP A 160 -0.08 6.05 10.73
CA ASP A 160 -0.30 5.06 11.79
C ASP A 160 -1.02 3.82 11.28
N ILE A 161 -0.62 3.37 10.10
CA ILE A 161 -1.19 2.13 9.54
C ILE A 161 -0.30 0.95 9.87
N MET A 162 -0.84 -0.05 10.54
CA MET A 162 -0.07 -1.27 10.78
C MET A 162 -0.64 -2.38 9.92
N PRO A 163 0.03 -2.68 8.79
CA PRO A 163 -0.46 -3.72 7.90
C PRO A 163 -0.01 -5.09 8.39
N ALA A 164 -0.55 -5.46 9.55
CA ALA A 164 -0.14 -6.67 10.26
C ALA A 164 -0.48 -7.93 9.48
N ASP A 165 -1.38 -7.82 8.52
CA ASP A 165 -1.76 -8.96 7.69
C ASP A 165 -0.77 -9.21 6.55
N ASP A 166 0.14 -8.28 6.34
CA ASP A 166 1.09 -8.41 5.22
C ASP A 166 2.11 -9.52 5.48
N SER A 167 2.22 -10.45 4.54
CA SER A 167 3.10 -11.62 4.72
C SER A 167 4.56 -11.23 4.93
N THR A 168 5.05 -10.29 4.12
CA THR A 168 6.43 -9.85 4.25
C THR A 168 6.72 -9.23 5.61
N LEU A 169 5.80 -8.37 6.06
CA LEU A 169 5.91 -7.77 7.36
C LEU A 169 5.95 -8.83 8.46
N LYS A 170 5.10 -9.85 8.36
CA LYS A 170 5.10 -10.92 9.36
C LYS A 170 6.47 -11.61 9.40
N ASN A 171 7.04 -11.85 8.22
CA ASN A 171 8.36 -12.50 8.16
C ASN A 171 9.49 -11.65 8.74
N GLU A 172 9.42 -10.35 8.51
CA GLU A 172 10.41 -9.46 9.11
C GLU A 172 10.17 -9.28 10.61
N ALA A 173 8.91 -9.26 11.02
CA ALA A 173 8.59 -9.20 12.46
C ALA A 173 9.14 -10.44 13.16
N LYS A 174 9.06 -11.58 12.47
CA LYS A 174 9.60 -12.83 12.98
C LYS A 174 11.06 -12.64 13.33
N GLU A 175 11.80 -12.03 12.40
CA GLU A 175 13.22 -11.80 12.59
C GLU A 175 13.47 -10.77 13.69
N PHE A 176 12.77 -9.64 13.63
CA PHE A 176 13.01 -8.53 14.55
C PHE A 176 12.64 -8.86 15.99
N PHE A 177 11.52 -9.55 16.18
CA PHE A 177 11.05 -9.88 17.51
C PHE A 177 11.61 -11.21 18.01
N GLY A 178 12.46 -11.84 17.20
CA GLY A 178 13.13 -13.06 17.62
C GLY A 178 12.17 -14.22 17.81
N LEU A 179 11.27 -14.40 16.84
CA LEU A 179 10.29 -15.46 16.89
C LEU A 179 10.79 -16.68 16.10
N SER A 180 10.32 -17.85 16.47
CA SER A 180 10.79 -19.09 15.87
C SER A 180 9.85 -19.54 14.75
N SER A 181 8.78 -18.77 14.53
CA SER A 181 7.85 -19.03 13.43
C SER A 181 7.03 -17.79 13.12
N LYS A 182 6.30 -17.86 12.01
CA LYS A 182 5.62 -16.67 11.47
C LYS A 182 4.48 -16.25 12.37
N PRO A 183 4.48 -15.00 12.81
CA PRO A 183 3.44 -14.51 13.72
C PRO A 183 2.11 -14.34 13.00
N GLN A 184 1.02 -14.51 13.74
CA GLN A 184 -0.31 -14.25 13.19
C GLN A 184 -0.50 -12.74 13.12
N THR A 185 -1.45 -12.31 12.31
CA THR A 185 -1.77 -10.89 12.19
C THR A 185 -1.99 -10.25 13.56
N GLU A 186 -2.74 -10.95 14.40
CA GLU A 186 -3.11 -10.42 15.70
C GLU A 186 -1.90 -10.32 16.63
N GLU A 187 -0.96 -11.24 16.47
CA GLU A 187 0.30 -11.17 17.23
C GLU A 187 1.15 -9.96 16.82
N VAL A 188 1.21 -9.70 15.53
CA VAL A 188 1.94 -8.52 15.04
C VAL A 188 1.31 -7.23 15.55
N GLU A 189 -0.03 -7.18 15.58
CA GLU A 189 -0.73 -6.02 16.11
C GLU A 189 -0.40 -5.76 17.59
N LYS A 190 -0.28 -6.82 18.36
CA LYS A 190 0.07 -6.66 19.77
C LYS A 190 1.53 -6.21 19.93
N LEU A 191 2.41 -6.85 19.16
CA LEU A 191 3.85 -6.58 19.27
C LEU A 191 4.20 -5.15 18.87
N THR A 192 3.42 -4.57 17.97
CA THR A 192 3.72 -3.23 17.46
C THR A 192 2.86 -2.12 18.07
N LYS A 193 2.01 -2.47 19.03
CA LYS A 193 1.21 -1.46 19.72
C LYS A 193 1.98 -0.24 20.26
N PRO A 194 3.17 -0.44 20.88
CA PRO A 194 3.94 0.72 21.37
C PRO A 194 4.42 1.66 20.28
N CYS A 195 4.36 1.22 19.03
CA CYS A 195 4.81 2.06 17.90
C CYS A 195 3.80 3.15 17.53
N LYS A 196 2.56 2.99 17.98
CA LYS A 196 1.53 4.01 17.82
C LYS A 196 2.05 5.34 18.39
N PRO A 197 1.80 6.46 17.69
CA PRO A 197 0.97 6.68 16.51
C PRO A 197 1.75 6.74 15.20
N TYR A 198 2.86 6.02 15.14
CA TYR A 198 3.65 6.02 13.91
C TYR A 198 3.83 4.62 13.38
N ARG A 199 2.77 3.81 13.41
CA ARG A 199 2.90 2.42 13.01
C ARG A 199 3.24 2.26 11.54
N THR A 200 2.89 3.23 10.70
CA THR A 200 3.31 3.10 9.29
C THR A 200 4.82 3.10 9.18
N ILE A 201 5.46 3.99 9.94
CA ILE A 201 6.91 4.12 9.94
C ILE A 201 7.56 2.89 10.55
N ALA A 202 6.95 2.36 11.61
CA ALA A 202 7.41 1.08 12.19
C ALA A 202 7.40 -0.02 11.13
N ALA A 203 6.30 -0.14 10.41
CA ALA A 203 6.18 -1.14 9.35
C ALA A 203 7.25 -0.91 8.29
N TRP A 204 7.48 0.35 7.91
CA TRP A 204 8.50 0.67 6.93
C TRP A 204 9.90 0.22 7.38
N TYR A 205 10.25 0.48 8.63
CA TYR A 205 11.53 0.03 9.17
C TYR A 205 11.69 -1.49 9.15
N LEU A 206 10.64 -2.22 9.54
CA LEU A 206 10.69 -3.68 9.48
C LEU A 206 10.88 -4.16 8.04
N TRP A 207 10.20 -3.49 7.12
CA TRP A 207 10.26 -3.85 5.70
C TRP A 207 11.65 -3.65 5.10
N GLN A 208 12.44 -2.77 5.71
CA GLN A 208 13.81 -2.53 5.23
C GLN A 208 14.81 -3.58 5.70
N ILE A 209 14.40 -4.45 6.60
CA ILE A 209 15.35 -5.44 7.16
C ILE A 209 16.09 -6.30 6.13
N PRO A 210 15.40 -6.81 5.08
CA PRO A 210 16.17 -7.62 4.11
C PRO A 210 17.31 -6.85 3.42
N LYS A 211 17.21 -5.53 3.33
CA LYS A 211 18.25 -4.71 2.69
C LYS A 211 19.49 -4.60 3.57
N LEU A 212 19.36 -4.96 4.84
CA LEU A 212 20.47 -4.92 5.78
C LEU A 212 21.38 -6.14 5.63
N HIS A 213 20.92 -7.15 4.91
CA HIS A 213 21.70 -8.36 4.68
C HIS A 213 22.36 -8.31 3.31
O5' 3DR B 6 4.10 -13.72 0.19
P 3DR B 6 5.54 -14.37 0.48
OP1 3DR B 6 6.38 -13.38 1.22
OP2 3DR B 6 5.27 -15.73 1.08
C2' 3DR B 6 -0.19 -14.76 0.95
C5' 3DR B 6 2.93 -14.50 0.46
C4' 3DR B 6 1.73 -13.88 -0.21
O4' 3DR B 6 1.11 -14.87 -1.02
C1' 3DR B 6 0.14 -15.60 -0.27
C3' 3DR B 6 0.72 -13.54 0.85
O3' 3DR B 6 -0.03 -12.39 0.48
C1 PEG D . -1.74 13.01 15.34
O1 PEG D . -2.39 13.27 14.14
C2 PEG D . -0.26 13.25 15.44
O2 PEG D . 0.61 12.24 15.08
C3 PEG D . 0.38 11.55 13.90
C4 PEG D . -0.13 10.16 13.99
O4 PEG D . -1.19 9.77 13.19
C1 PEG E . 17.40 -5.41 14.20
O1 PEG E . 17.62 -4.76 15.39
C2 PEG E . 18.49 -5.37 13.20
O2 PEG E . 18.43 -6.25 12.12
C3 PEG E . 19.35 -6.12 11.10
C4 PEG E . 20.51 -7.06 11.03
O4 PEG E . 21.63 -6.66 10.34
#